data_6VKC
#
_entry.id   6VKC
#
_cell.length_a   168.040
_cell.length_b   168.040
_cell.length_c   168.040
_cell.angle_alpha   90.000
_cell.angle_beta   90.000
_cell.angle_gamma   90.000
#
_symmetry.space_group_name_H-M   'P 41 3 2'
#
loop_
_entity.id
_entity.type
_entity.pdbx_description
1 polymer 'Prefusion RSV F (DS-Cav1),Envelope glycoprotein'
2 branched alpha-L-fucopyranose-(1-6)-2-acetamido-2-deoxy-beta-D-glucopyranose
3 non-polymer 'CHLORIDE ION'
4 non-polymer 'SULFATE ION'
5 non-polymer 3-{[5-chloro-1-(4,4,4-trifluorobutyl)-1H-imidazo[4,5-b]pyridin-2-yl]methyl}-1-cyclopropyl-1,3-dihydro-2H-imidazo[4,5-c]pyridin-2-one
6 non-polymer 'D(-)-TARTARIC ACID'
7 water water
#
_entity_poly.entity_id   1
_entity_poly.type   'polypeptide(L)'
_entity_poly.pdbx_seq_one_letter_code
;MELLILKANAITTILTAVTFCFASGQNITEEFYQSTCSAVSKGYLSALRTGWYTSVITIELSNIKENKCNGTDAKVKLIK
QELDKYKNAVTELQLLMQSTPATNNRARRELPRFMNYTLNNAKKTNVTLSKKRKRRFLGFLLGVGSAIASGVAVCKVLHL
EGEVNKIKSALLSTNKAVVSLSNGVSVLTFKVLDLKNYIDKQLLPILNKQSCSISNIETVIEFQQKNNRLLEITREFSVN
AGVTTPVSTYMLTNSELLSLINDMPITNDQKKLMSNNVQIVRQQSYSIMCIIKEEVLAYVVQLPLYGVIDTPCWKLHTSP
LCTTNTKEGSNICLTRTDRGWYCDNAGSVSFFPQAETCKVQSNRVFCDTMNSLTLPSEVNLCNVDIFNPKYDCKIMTSKT
DVSSSVITSLGAIVSCYGKTKCTASNKNRGIIKTFSNGCDYVSNKGVDTVSVGNTLYYVNKQEGKSLYVKGEPIINFYDP
LVFPSDEFDASISQVNEKINQSLAFIRKSDELLSAIGGYIPEAPRDGQAYVRKDGEWVLLSTFLGGLVPRGSHHHHHHSA
WSHPQFEK
;
_entity_poly.pdbx_strand_id   F
#
# COMPACT_ATOMS: atom_id res chain seq x y z
N GLN A 26 11.58 -16.80 4.44
CA GLN A 26 11.67 -17.67 5.61
C GLN A 26 10.64 -18.80 5.55
N ASN A 27 10.37 -19.40 6.72
CA ASN A 27 9.40 -20.49 6.83
C ASN A 27 8.04 -19.90 7.14
N ILE A 28 7.18 -19.85 6.12
CA ILE A 28 5.79 -19.47 6.30
C ILE A 28 5.03 -20.69 6.77
N THR A 29 4.26 -20.55 7.85
CA THR A 29 3.42 -21.62 8.35
C THR A 29 2.01 -21.11 8.50
N GLU A 30 1.06 -22.04 8.67
CA GLU A 30 -0.34 -21.66 8.72
C GLU A 30 -1.09 -22.62 9.64
N GLU A 31 -2.09 -22.09 10.33
CA GLU A 31 -2.95 -22.88 11.21
C GLU A 31 -4.40 -22.54 10.91
N PHE A 32 -5.23 -23.56 10.76
CA PHE A 32 -6.66 -23.38 10.54
C PHE A 32 -7.42 -23.78 11.80
N TYR A 33 -8.36 -22.93 12.21
CA TYR A 33 -9.15 -23.17 13.42
C TYR A 33 -10.56 -23.53 13.00
N GLN A 34 -10.83 -24.84 12.97
CA GLN A 34 -12.16 -25.35 12.66
C GLN A 34 -13.22 -24.71 13.54
N SER A 35 -12.87 -24.37 14.77
CA SER A 35 -13.87 -23.88 15.71
C SER A 35 -14.41 -22.51 15.30
N THR A 36 -13.58 -21.68 14.64
CA THR A 36 -13.99 -20.32 14.33
C THR A 36 -13.86 -19.99 12.84
N CYS A 37 -13.61 -20.98 11.99
CA CYS A 37 -13.54 -20.76 10.55
C CYS A 37 -12.55 -19.65 10.22
N SER A 38 -11.31 -19.85 10.66
CA SER A 38 -10.30 -18.84 10.44
C SER A 38 -8.94 -19.50 10.37
N ALA A 39 -7.99 -18.77 9.78
CA ALA A 39 -6.65 -19.29 9.61
C ALA A 39 -5.66 -18.15 9.77
N VAL A 40 -4.50 -18.47 10.35
CA VAL A 40 -3.43 -17.52 10.57
C VAL A 40 -2.20 -17.98 9.81
N SER A 41 -1.60 -17.08 9.04
CA SER A 41 -0.34 -17.32 8.35
C SER A 41 0.76 -16.54 9.07
N LYS A 42 1.78 -17.24 9.55
CA LYS A 42 2.87 -16.57 10.25
C LYS A 42 4.21 -16.89 9.60
N GLY A 43 5.25 -16.23 10.11
CA GLY A 43 6.58 -16.30 9.54
C GLY A 43 7.00 -15.06 8.78
N TYR A 44 6.15 -14.04 8.73
CA TYR A 44 6.46 -12.85 7.97
C TYR A 44 7.22 -11.83 8.80
N LEU A 45 7.89 -10.91 8.12
CA LEU A 45 8.70 -9.88 8.75
C LEU A 45 8.16 -8.52 8.34
N SER A 46 8.18 -7.58 9.28
CA SER A 46 7.55 -6.28 9.06
C SER A 46 8.46 -5.32 8.32
N ALA A 47 7.83 -4.40 7.58
CA ALA A 47 8.44 -3.16 7.13
C ALA A 47 7.31 -2.13 7.10
N LEU A 48 7.14 -1.42 8.20
CA LEU A 48 6.01 -0.52 8.38
C LEU A 48 6.48 0.91 8.11
N ARG A 49 5.80 1.59 7.18
CA ARG A 49 6.04 3.02 7.05
C ARG A 49 5.46 3.73 8.26
N THR A 50 6.33 4.38 9.03
CA THR A 50 5.97 5.10 10.22
C THR A 50 6.10 6.60 10.07
N GLY A 51 6.81 7.07 9.05
CA GLY A 51 7.12 8.46 8.90
C GLY A 51 7.39 8.79 7.46
N TRP A 52 7.91 9.99 7.24
CA TRP A 52 8.13 10.52 5.92
C TRP A 52 9.49 11.22 5.87
N TYR A 53 10.20 11.04 4.76
CA TYR A 53 11.35 11.85 4.45
C TYR A 53 11.07 12.67 3.20
N THR A 54 11.24 13.98 3.28
CA THR A 54 10.95 14.87 2.17
C THR A 54 12.24 15.37 1.55
N SER A 55 12.38 15.15 0.25
CA SER A 55 13.48 15.66 -0.54
C SER A 55 12.96 16.65 -1.58
N VAL A 56 13.81 17.58 -1.99
CA VAL A 56 13.45 18.57 -3.00
C VAL A 56 14.22 18.23 -4.27
N ILE A 57 13.51 17.76 -5.29
CA ILE A 57 14.07 17.46 -6.60
C ILE A 57 13.93 18.70 -7.47
N THR A 58 14.99 19.04 -8.21
CA THR A 58 14.98 20.26 -8.99
C THR A 58 15.44 20.00 -10.41
N ILE A 59 14.93 20.83 -11.32
CA ILE A 59 15.33 20.88 -12.71
C ILE A 59 15.62 22.34 -13.03
N GLU A 60 16.86 22.63 -13.46
CA GLU A 60 17.24 24.00 -13.75
C GLU A 60 16.74 24.41 -15.13
N LEU A 61 15.98 25.49 -15.18
CA LEU A 61 15.33 25.95 -16.40
C LEU A 61 16.14 27.04 -17.08
N SER A 62 15.77 27.32 -18.31
CA SER A 62 16.42 28.36 -19.12
C SER A 62 15.41 29.44 -19.50
N ASN A 63 15.75 30.69 -19.21
CA ASN A 63 15.03 31.83 -19.77
C ASN A 63 15.64 32.16 -21.11
N ILE A 64 14.79 32.30 -22.13
CA ILE A 64 15.28 32.39 -23.50
C ILE A 64 15.15 33.80 -24.11
N GLY A 71 13.07 33.01 -43.23
CA GLY A 71 13.28 31.62 -43.60
C GLY A 71 13.83 30.77 -42.46
N THR A 72 13.44 29.50 -42.45
CA THR A 72 13.87 28.59 -41.38
C THR A 72 14.25 27.25 -42.00
N ASP A 73 15.43 26.76 -41.65
CA ASP A 73 15.92 25.45 -42.09
C ASP A 73 15.03 24.34 -41.52
N ALA A 74 15.10 23.17 -42.19
CA ALA A 74 14.34 22.01 -41.73
C ALA A 74 14.79 21.56 -40.35
N LYS A 75 16.10 21.38 -40.16
CA LYS A 75 16.62 20.95 -38.88
C LYS A 75 16.32 21.98 -37.79
N VAL A 76 16.20 23.26 -38.15
CA VAL A 76 15.94 24.29 -37.16
C VAL A 76 14.45 24.35 -36.82
N LYS A 77 13.57 24.09 -37.80
CA LYS A 77 12.14 24.12 -37.53
C LYS A 77 11.75 23.12 -36.46
N LEU A 78 12.42 21.96 -36.41
CA LEU A 78 12.12 20.98 -35.38
C LEU A 78 12.69 21.40 -34.04
N ILE A 79 13.84 22.07 -34.04
CA ILE A 79 14.38 22.61 -32.79
C ILE A 79 13.44 23.64 -32.21
N LYS A 80 12.88 24.50 -33.04
CA LYS A 80 11.92 25.49 -32.54
C LYS A 80 10.61 24.83 -32.13
N GLN A 81 10.23 23.74 -32.79
CA GLN A 81 9.05 23.00 -32.35
C GLN A 81 9.29 22.36 -30.98
N GLU A 82 10.46 21.77 -30.77
CA GLU A 82 10.76 21.21 -29.47
C GLU A 82 10.89 22.30 -28.41
N LEU A 83 11.41 23.47 -28.79
CA LEU A 83 11.53 24.56 -27.82
C LEU A 83 10.17 25.10 -27.42
N ASP A 84 9.20 25.09 -28.34
CA ASP A 84 7.84 25.47 -27.97
C ASP A 84 7.24 24.49 -26.98
N LYS A 85 7.45 23.19 -27.20
CA LYS A 85 7.02 22.18 -26.24
C LYS A 85 7.58 22.46 -24.85
N TYR A 86 8.79 23.03 -24.79
CA TYR A 86 9.46 23.32 -23.53
C TYR A 86 8.83 24.52 -22.83
N LYS A 87 8.58 25.61 -23.55
CA LYS A 87 7.91 26.76 -22.94
C LYS A 87 6.51 26.42 -22.51
N ASN A 88 5.75 25.71 -23.35
CA ASN A 88 4.40 25.31 -22.98
C ASN A 88 4.41 24.48 -21.72
N ALA A 89 5.41 23.61 -21.56
CA ALA A 89 5.50 22.82 -20.34
C ALA A 89 5.76 23.72 -19.14
N VAL A 90 6.58 24.75 -19.31
CA VAL A 90 6.87 25.66 -18.20
C VAL A 90 5.62 26.42 -17.79
N THR A 91 4.98 27.11 -18.74
CA THR A 91 3.78 27.88 -18.43
C THR A 91 2.65 26.99 -17.94
N GLU A 92 2.62 25.74 -18.40
CA GLU A 92 1.62 24.79 -17.92
C GLU A 92 1.84 24.49 -16.44
N LEU A 93 3.10 24.23 -16.06
CA LEU A 93 3.40 23.97 -14.65
C LEU A 93 3.18 25.21 -13.80
N GLN A 94 3.47 26.40 -14.32
CA GLN A 94 3.17 27.62 -13.58
C GLN A 94 1.66 27.77 -13.38
N LEU A 95 0.87 27.49 -14.42
CA LEU A 95 -0.57 27.58 -14.31
C LEU A 95 -1.12 26.54 -13.33
N LEU A 96 -0.42 25.42 -13.19
CA LEU A 96 -0.88 24.35 -12.33
C LEU A 96 -0.68 24.66 -10.85
N MET A 97 0.29 25.51 -10.54
CA MET A 97 0.67 25.81 -9.17
C MET A 97 -0.01 27.03 -8.59
N GLN A 98 -1.06 27.55 -9.24
CA GLN A 98 -1.78 28.67 -8.65
C GLN A 98 -2.45 28.31 -7.33
N SER A 99 -2.56 27.03 -7.02
CA SER A 99 -3.20 26.57 -5.79
C SER A 99 -2.23 25.74 -4.96
N THR A 100 -2.42 25.83 -3.64
CA THR A 100 -1.71 24.99 -2.70
C THR A 100 -2.02 23.52 -2.98
N PRO A 101 -1.02 22.65 -3.05
CA PRO A 101 -1.28 21.24 -3.39
C PRO A 101 -2.19 20.59 -2.35
N ALA A 102 -2.93 19.57 -2.79
CA ALA A 102 -3.85 18.83 -1.93
C ALA A 102 -4.17 17.50 -2.58
N THR A 103 -4.80 16.61 -1.81
CA THR A 103 -5.25 15.32 -2.33
C THR A 103 -6.24 14.65 -1.37
N PHE A 137 -13.10 -5.97 7.17
CA PHE A 137 -14.42 -5.49 7.60
C PHE A 137 -14.33 -4.23 8.45
N LEU A 138 -13.19 -4.04 9.13
CA LEU A 138 -13.09 -3.03 10.18
C LEU A 138 -12.39 -1.76 9.70
N GLY A 139 -12.32 -1.53 8.40
CA GLY A 139 -11.70 -0.32 7.90
C GLY A 139 -12.37 0.96 8.39
N PHE A 140 -13.69 0.92 8.61
CA PHE A 140 -14.39 2.10 9.09
C PHE A 140 -13.90 2.54 10.46
N LEU A 141 -13.20 1.67 11.20
CA LEU A 141 -12.64 2.04 12.50
C LEU A 141 -11.40 2.91 12.40
N LEU A 142 -10.88 3.17 11.19
CA LEU A 142 -9.61 3.84 11.06
C LEU A 142 -9.75 5.35 11.22
N GLY A 143 -8.71 5.97 11.75
CA GLY A 143 -8.57 7.41 11.70
C GLY A 143 -8.45 7.92 10.28
N VAL A 144 -8.16 9.21 10.18
CA VAL A 144 -8.11 9.90 8.89
C VAL A 144 -6.92 10.85 8.93
N GLY A 145 -5.85 10.53 8.18
CA GLY A 145 -4.69 11.37 8.10
C GLY A 145 -4.71 12.26 6.87
N SER A 146 -3.64 13.03 6.72
CA SER A 146 -3.42 13.88 5.56
C SER A 146 -2.04 13.52 5.02
N ALA A 147 -2.02 12.65 4.00
CA ALA A 147 -0.79 11.91 3.67
C ALA A 147 0.34 12.83 3.24
N ILE A 148 0.05 13.88 2.46
CA ILE A 148 1.10 14.75 1.97
C ILE A 148 1.22 16.02 2.80
N ALA A 149 0.76 15.99 4.06
CA ALA A 149 0.82 17.19 4.89
C ALA A 149 2.25 17.63 5.15
N SER A 150 3.18 16.68 5.26
CA SER A 150 4.57 17.04 5.51
C SER A 150 5.23 17.62 4.25
N GLY A 151 5.04 16.99 3.09
CA GLY A 151 5.56 17.55 1.86
C GLY A 151 5.01 18.94 1.58
N VAL A 152 3.69 19.12 1.74
CA VAL A 152 3.08 20.42 1.52
C VAL A 152 3.66 21.46 2.48
N ALA A 153 3.95 21.05 3.71
CA ALA A 153 4.60 21.97 4.64
C ALA A 153 5.97 22.41 4.12
N VAL A 154 6.78 21.47 3.64
CA VAL A 154 8.07 21.83 3.05
C VAL A 154 7.87 22.70 1.84
N CYS A 155 6.90 22.34 0.98
CA CYS A 155 6.65 23.12 -0.22
C CYS A 155 6.22 24.54 0.12
N LYS A 156 5.41 24.69 1.18
CA LYS A 156 5.07 26.01 1.68
C LYS A 156 6.32 26.79 2.07
N VAL A 157 7.36 26.09 2.55
CA VAL A 157 8.58 26.77 2.96
C VAL A 157 9.39 27.21 1.75
N LEU A 158 9.28 26.48 0.62
CA LEU A 158 10.03 26.89 -0.56
C LEU A 158 9.50 28.19 -1.17
N HIS A 159 8.30 28.62 -0.80
CA HIS A 159 7.74 29.84 -1.37
C HIS A 159 8.22 31.10 -0.68
N LEU A 160 8.98 30.98 0.40
CA LEU A 160 9.46 32.15 1.13
C LEU A 160 10.51 32.89 0.31
N GLU A 161 10.82 34.09 0.75
CA GLU A 161 11.72 34.98 0.02
C GLU A 161 13.13 34.40 -0.02
N GLY A 162 13.70 34.32 -1.22
CA GLY A 162 15.06 33.86 -1.39
C GLY A 162 15.33 32.45 -0.90
N GLU A 163 14.29 31.77 -0.42
CA GLU A 163 14.45 30.37 -0.02
C GLU A 163 14.79 29.51 -1.22
N VAL A 164 14.21 29.82 -2.38
CA VAL A 164 14.53 29.11 -3.61
C VAL A 164 16.01 29.29 -3.94
N ASN A 165 16.52 30.51 -3.78
CA ASN A 165 17.90 30.77 -4.19
C ASN A 165 18.92 30.11 -3.26
N LYS A 166 18.53 29.79 -2.02
CA LYS A 166 19.40 28.99 -1.16
C LYS A 166 19.72 27.66 -1.82
N ILE A 167 18.69 26.98 -2.34
CA ILE A 167 18.86 25.73 -3.07
C ILE A 167 19.65 25.97 -4.35
N LYS A 168 19.36 27.07 -5.07
CA LYS A 168 20.01 27.34 -6.34
C LYS A 168 21.52 27.40 -6.18
N SER A 169 22.00 28.02 -5.10
CA SER A 169 23.45 28.13 -4.88
C SER A 169 24.03 26.87 -4.26
N ALA A 170 23.24 26.16 -3.45
CA ALA A 170 23.71 24.91 -2.87
C ALA A 170 24.12 23.93 -3.96
N LEU A 171 23.34 23.83 -5.03
CA LEU A 171 23.59 22.92 -6.13
C LEU A 171 24.33 23.57 -7.28
N LEU A 172 25.03 24.68 -7.02
CA LEU A 172 25.77 25.35 -8.07
C LEU A 172 26.89 24.48 -8.60
N SER A 173 27.58 23.76 -7.70
CA SER A 173 28.73 22.95 -8.06
C SER A 173 28.54 21.47 -7.76
N THR A 174 27.36 21.07 -7.31
CA THR A 174 27.03 19.66 -7.08
C THR A 174 25.59 19.42 -7.51
N ASN A 175 25.24 18.16 -7.64
CA ASN A 175 23.87 17.77 -7.94
C ASN A 175 23.12 17.26 -6.71
N LYS A 176 23.81 16.72 -5.72
CA LYS A 176 23.22 16.32 -4.45
C LYS A 176 23.76 17.22 -3.36
N ALA A 177 22.87 17.82 -2.59
CA ALA A 177 23.27 18.69 -1.49
C ALA A 177 22.19 18.64 -0.42
N VAL A 178 22.61 18.87 0.83
CA VAL A 178 21.69 18.98 1.96
C VAL A 178 21.59 20.45 2.32
N VAL A 179 20.37 20.94 2.48
CA VAL A 179 20.12 22.35 2.75
C VAL A 179 19.23 22.47 3.98
N SER A 180 19.66 23.29 4.94
CA SER A 180 18.81 23.63 6.08
C SER A 180 17.86 24.75 5.65
N LEU A 181 16.56 24.52 5.82
CA LEU A 181 15.56 25.52 5.46
C LEU A 181 15.33 26.48 6.62
N SER A 182 14.70 27.62 6.31
CA SER A 182 14.64 28.73 7.25
C SER A 182 13.88 28.39 8.53
N ASN A 183 13.00 27.40 8.49
CA ASN A 183 12.29 26.95 9.69
C ASN A 183 13.01 25.79 10.38
N GLY A 184 14.16 25.36 9.86
CA GLY A 184 14.97 24.33 10.49
C GLY A 184 14.89 22.96 9.85
N VAL A 185 14.12 22.80 8.76
CA VAL A 185 14.03 21.50 8.12
C VAL A 185 15.33 21.23 7.36
N SER A 186 15.84 20.00 7.50
CA SER A 186 17.10 19.57 6.89
C SER A 186 16.72 18.60 5.77
N VAL A 187 16.64 19.13 4.54
CA VAL A 187 16.18 18.35 3.39
C VAL A 187 17.35 18.06 2.46
N LEU A 188 17.28 16.90 1.81
CA LEU A 188 18.17 16.61 0.71
C LEU A 188 17.66 17.28 -0.55
N THR A 189 18.58 17.81 -1.36
CA THR A 189 18.22 18.50 -2.58
C THR A 189 18.98 17.89 -3.75
N PHE A 190 18.32 17.80 -4.89
CA PHE A 190 18.81 17.03 -6.02
C PHE A 190 18.52 17.80 -7.29
N LYS A 191 19.55 18.12 -8.07
CA LYS A 191 19.39 18.69 -9.40
C LYS A 191 19.52 17.54 -10.39
N VAL A 192 18.39 17.04 -10.86
CA VAL A 192 18.37 15.87 -11.74
C VAL A 192 18.52 16.23 -13.23
N LEU A 193 18.31 17.49 -13.60
CA LEU A 193 18.32 17.87 -15.00
C LEU A 193 18.67 19.36 -15.10
N ASP A 194 19.79 19.67 -15.75
CA ASP A 194 20.19 21.04 -16.01
C ASP A 194 19.84 21.37 -17.46
N LEU A 195 18.58 21.74 -17.68
CA LEU A 195 18.17 22.20 -19.00
C LEU A 195 18.71 23.60 -19.27
N LYS A 196 18.88 24.40 -18.21
CA LYS A 196 19.52 25.69 -18.31
C LYS A 196 20.83 25.60 -19.09
N ASN A 197 21.73 24.74 -18.61
CA ASN A 197 23.05 24.62 -19.22
C ASN A 197 22.96 24.09 -20.65
N TYR A 198 22.06 23.16 -20.91
CA TYR A 198 21.98 22.61 -22.27
C TYR A 198 21.47 23.64 -23.25
N ILE A 199 20.35 24.30 -22.93
CA ILE A 199 19.74 25.24 -23.86
C ILE A 199 20.65 26.45 -24.07
N ASP A 200 21.28 26.95 -23.00
CA ASP A 200 22.08 28.16 -23.12
C ASP A 200 23.37 27.90 -23.90
N LYS A 201 23.96 26.71 -23.78
CA LYS A 201 25.25 26.44 -24.40
C LYS A 201 25.16 25.76 -25.77
N GLN A 202 24.17 24.91 -25.99
CA GLN A 202 24.06 24.21 -27.27
C GLN A 202 22.97 24.77 -28.18
N LEU A 203 21.85 25.21 -27.62
CA LEU A 203 20.76 25.68 -28.47
C LEU A 203 20.84 27.17 -28.77
N LEU A 204 21.19 27.98 -27.76
CA LEU A 204 21.23 29.43 -27.96
C LEU A 204 22.22 29.87 -29.04
N PRO A 205 23.41 29.28 -29.19
CA PRO A 205 24.28 29.69 -30.30
C PRO A 205 23.65 29.54 -31.68
N ILE A 206 22.71 28.60 -31.85
CA ILE A 206 22.08 28.39 -33.14
C ILE A 206 21.02 29.45 -33.41
N LEU A 207 20.22 29.79 -32.39
CA LEU A 207 19.12 30.73 -32.57
C LEU A 207 19.58 32.18 -32.63
N ASN A 208 20.70 32.50 -31.99
CA ASN A 208 21.15 33.89 -31.91
C ASN A 208 22.51 34.08 -32.60
N ILE A 214 22.78 26.92 -38.89
CA ILE A 214 23.92 26.13 -38.42
C ILE A 214 23.43 24.93 -37.61
N SER A 215 22.60 24.10 -38.21
CA SER A 215 21.95 23.02 -37.49
C SER A 215 22.42 21.66 -38.01
N ASN A 216 22.56 20.71 -37.09
CA ASN A 216 22.75 19.31 -37.44
C ASN A 216 21.60 18.49 -36.85
N ILE A 217 21.42 17.29 -37.38
CA ILE A 217 20.30 16.46 -36.93
C ILE A 217 20.57 15.83 -35.58
N GLU A 218 21.83 15.74 -35.16
CA GLU A 218 22.16 15.03 -33.93
C GLU A 218 21.77 15.81 -32.68
N THR A 219 21.77 17.14 -32.75
CA THR A 219 21.30 17.93 -31.61
C THR A 219 19.78 17.89 -31.51
N VAL A 220 19.09 17.88 -32.65
CA VAL A 220 17.64 17.72 -32.63
C VAL A 220 17.25 16.46 -31.89
N ILE A 221 17.93 15.35 -32.20
CA ILE A 221 17.71 14.10 -31.47
C ILE A 221 18.02 14.29 -30.00
N GLU A 222 19.17 14.90 -29.71
CA GLU A 222 19.60 15.02 -28.32
C GLU A 222 18.71 15.97 -27.53
N PHE A 223 18.25 17.05 -28.15
CA PHE A 223 17.34 17.95 -27.44
C PHE A 223 16.03 17.25 -27.10
N GLN A 224 15.44 16.56 -28.08
CA GLN A 224 14.19 15.83 -27.81
C GLN A 224 14.37 14.86 -26.64
N GLN A 225 15.51 14.17 -26.58
CA GLN A 225 15.75 13.27 -25.47
C GLN A 225 15.79 14.02 -24.14
N LYS A 226 16.56 15.10 -24.06
CA LYS A 226 16.70 15.81 -22.80
C LYS A 226 15.41 16.52 -22.41
N ASN A 227 14.64 17.02 -23.38
CA ASN A 227 13.38 17.68 -23.08
C ASN A 227 12.27 16.71 -22.76
N ASN A 228 12.42 15.43 -23.13
CA ASN A 228 11.35 14.48 -22.95
C ASN A 228 11.01 14.30 -21.48
N ARG A 229 12.03 14.32 -20.62
CA ARG A 229 11.77 14.11 -19.20
C ARG A 229 10.89 15.22 -18.65
N LEU A 230 11.18 16.48 -19.01
CA LEU A 230 10.34 17.58 -18.56
C LEU A 230 8.91 17.42 -19.09
N LEU A 231 8.77 17.01 -20.35
CA LEU A 231 7.43 16.86 -20.91
C LEU A 231 6.66 15.75 -20.20
N GLU A 232 7.35 14.69 -19.79
CA GLU A 232 6.65 13.60 -19.11
C GLU A 232 6.28 13.97 -17.68
N ILE A 233 7.19 14.63 -16.97
CA ILE A 233 6.85 15.13 -15.64
C ILE A 233 5.63 16.03 -15.73
N THR A 234 5.61 16.92 -16.72
CA THR A 234 4.48 17.83 -16.86
C THR A 234 3.18 17.07 -17.17
N ARG A 235 3.27 15.99 -17.95
CA ARG A 235 2.06 15.20 -18.21
C ARG A 235 1.53 14.59 -16.92
N GLU A 236 2.40 13.97 -16.14
CA GLU A 236 1.94 13.32 -14.91
C GLU A 236 1.29 14.33 -13.99
N PHE A 237 1.91 15.49 -13.81
CA PHE A 237 1.31 16.50 -12.95
C PHE A 237 0.03 17.05 -13.53
N SER A 238 -0.13 17.01 -14.85
CA SER A 238 -1.31 17.57 -15.48
C SER A 238 -2.55 16.71 -15.24
N VAL A 239 -2.40 15.38 -15.25
CA VAL A 239 -3.55 14.51 -15.02
C VAL A 239 -3.71 14.13 -13.56
N ASN A 240 -2.85 14.61 -12.68
CA ASN A 240 -2.91 14.25 -11.26
C ASN A 240 -2.94 15.48 -10.35
N ALA A 241 -3.28 16.65 -10.89
CA ALA A 241 -3.39 17.86 -10.08
C ALA A 241 -2.15 18.07 -9.21
N GLY A 242 -0.98 17.89 -9.80
CA GLY A 242 0.27 18.23 -9.14
C GLY A 242 0.71 17.30 -8.03
N VAL A 243 0.06 16.15 -7.85
CA VAL A 243 0.43 15.21 -6.80
C VAL A 243 0.32 13.80 -7.37
N THR A 244 1.44 13.09 -7.43
CA THR A 244 1.46 11.77 -8.04
C THR A 244 1.93 10.73 -7.02
N THR A 245 1.41 9.52 -7.19
CA THR A 245 1.82 8.31 -6.48
C THR A 245 1.30 7.10 -7.26
N PRO A 246 2.14 6.08 -7.51
CA PRO A 246 3.56 5.99 -7.14
C PRO A 246 4.46 6.99 -7.87
N VAL A 247 5.68 7.16 -7.39
CA VAL A 247 6.63 8.09 -8.00
C VAL A 247 7.28 7.40 -9.18
N SER A 248 7.04 7.93 -10.38
CA SER A 248 7.48 7.33 -11.63
C SER A 248 8.99 7.44 -11.80
N THR A 249 9.51 6.72 -12.79
CA THR A 249 10.93 6.87 -13.11
C THR A 249 11.23 8.20 -13.78
N TYR A 250 10.22 8.92 -14.28
CA TYR A 250 10.46 10.27 -14.79
C TYR A 250 10.67 11.26 -13.64
N MET A 251 9.93 11.08 -12.55
CA MET A 251 10.15 11.93 -11.37
C MET A 251 11.51 11.66 -10.76
N LEU A 252 11.92 10.39 -10.74
CA LEU A 252 13.13 9.96 -10.03
C LEU A 252 13.55 8.65 -10.67
N THR A 253 14.67 8.66 -11.38
CA THR A 253 15.12 7.44 -12.03
C THR A 253 15.58 6.43 -10.98
N ASN A 254 15.73 5.18 -11.44
CA ASN A 254 16.14 4.13 -10.52
C ASN A 254 17.47 4.45 -9.86
N SER A 255 18.44 4.94 -10.63
CA SER A 255 19.73 5.29 -10.06
C SER A 255 19.62 6.52 -9.17
N GLU A 256 18.81 7.50 -9.57
CA GLU A 256 18.64 8.69 -8.74
C GLU A 256 18.06 8.31 -7.38
N LEU A 257 17.00 7.48 -7.39
CA LEU A 257 16.36 7.10 -6.13
C LEU A 257 17.32 6.31 -5.24
N LEU A 258 18.01 5.31 -5.82
CA LEU A 258 18.98 4.53 -5.05
C LEU A 258 20.02 5.43 -4.40
N SER A 259 20.57 6.38 -5.17
CA SER A 259 21.56 7.28 -4.60
C SER A 259 20.92 8.22 -3.59
N LEU A 260 19.69 8.66 -3.84
CA LEU A 260 18.94 9.41 -2.85
C LEU A 260 18.79 8.62 -1.56
N ILE A 261 18.45 7.33 -1.67
CA ILE A 261 18.34 6.46 -0.51
C ILE A 261 19.67 6.36 0.23
N ASN A 262 20.78 6.23 -0.51
CA ASN A 262 22.08 6.05 0.12
C ASN A 262 22.47 7.28 0.93
N ASP A 263 22.17 8.47 0.42
CA ASP A 263 22.46 9.70 1.14
C ASP A 263 21.43 10.03 2.19
N MET A 264 20.39 9.22 2.34
CA MET A 264 19.41 9.51 3.35
C MET A 264 19.99 9.27 4.75
N PRO A 265 19.50 9.99 5.74
CA PRO A 265 19.88 9.78 7.15
C PRO A 265 19.08 8.67 7.82
N ILE A 266 19.45 7.42 7.51
CA ILE A 266 18.77 6.23 8.02
C ILE A 266 19.80 5.14 8.25
N THR A 267 19.36 4.02 8.81
CA THR A 267 20.28 2.94 9.15
C THR A 267 20.72 2.20 7.89
N ASN A 268 21.84 1.49 7.99
CA ASN A 268 22.22 0.56 6.93
C ASN A 268 21.14 -0.48 6.70
N ASP A 269 20.38 -0.82 7.76
CA ASP A 269 19.27 -1.73 7.60
C ASP A 269 18.20 -1.14 6.70
N GLN A 270 17.83 0.12 6.95
CA GLN A 270 16.80 0.75 6.12
C GLN A 270 17.30 1.02 4.70
N LYS A 271 18.59 1.33 4.54
CA LYS A 271 19.10 1.54 3.19
C LYS A 271 19.08 0.26 2.38
N LYS A 272 19.52 -0.85 2.98
CA LYS A 272 19.46 -2.14 2.28
C LYS A 272 18.03 -2.51 1.95
N LEU A 273 17.13 -2.38 2.92
CA LEU A 273 15.73 -2.73 2.72
C LEU A 273 15.12 -1.92 1.58
N MET A 274 15.36 -0.60 1.57
CA MET A 274 14.75 0.23 0.55
C MET A 274 15.37 -0.03 -0.82
N SER A 275 16.69 -0.25 -0.86
CA SER A 275 17.37 -0.48 -2.13
C SER A 275 16.96 -1.81 -2.75
N ASN A 276 16.65 -2.80 -1.93
CA ASN A 276 16.23 -4.11 -2.41
C ASN A 276 14.74 -4.17 -2.71
N ASN A 277 14.00 -3.09 -2.44
CA ASN A 277 12.57 -3.05 -2.66
C ASN A 277 12.17 -1.70 -3.24
N VAL A 278 12.95 -1.24 -4.21
CA VAL A 278 12.72 0.08 -4.82
C VAL A 278 11.29 0.21 -5.32
N GLN A 279 10.75 -0.86 -5.90
CA GLN A 279 9.40 -0.80 -6.46
C GLN A 279 8.37 -0.55 -5.37
N ILE A 280 8.59 -1.06 -4.15
CA ILE A 280 7.66 -0.80 -3.06
C ILE A 280 7.82 0.61 -2.54
N VAL A 281 9.06 1.10 -2.46
CA VAL A 281 9.30 2.48 -2.05
C VAL A 281 8.57 3.44 -2.99
N ARG A 282 8.63 3.18 -4.29
CA ARG A 282 7.94 4.03 -5.25
C ARG A 282 6.46 4.07 -4.97
N GLN A 283 5.86 2.92 -4.69
CA GLN A 283 4.42 2.89 -4.47
C GLN A 283 4.00 3.60 -3.18
N GLN A 284 4.89 3.65 -2.19
CA GLN A 284 4.57 4.32 -0.93
C GLN A 284 5.08 5.75 -0.89
N SER A 285 5.42 6.33 -2.04
CA SER A 285 5.98 7.67 -2.11
C SER A 285 5.04 8.59 -2.86
N TYR A 286 5.23 9.90 -2.67
CA TYR A 286 4.45 10.93 -3.34
C TYR A 286 5.39 11.93 -4.02
N SER A 287 4.99 12.41 -5.18
CA SER A 287 5.66 13.53 -5.84
C SER A 287 4.72 14.72 -5.85
N ILE A 288 5.15 15.83 -5.27
CA ILE A 288 4.31 17.01 -5.08
C ILE A 288 4.94 18.18 -5.84
N MET A 289 4.32 18.57 -6.95
CA MET A 289 4.80 19.72 -7.71
C MET A 289 4.71 20.97 -6.84
N CYS A 290 5.82 21.69 -6.73
CA CYS A 290 5.98 22.68 -5.67
C CYS A 290 6.09 24.09 -6.20
N ILE A 291 7.14 24.44 -6.93
CA ILE A 291 7.39 25.84 -7.28
C ILE A 291 8.19 25.92 -8.57
N ILE A 292 7.94 26.97 -9.34
CA ILE A 292 8.80 27.40 -10.45
C ILE A 292 9.13 28.86 -10.22
N LYS A 293 10.39 29.15 -9.95
CA LYS A 293 10.82 30.50 -9.60
C LYS A 293 12.33 30.61 -9.81
N GLU A 294 12.77 31.69 -10.47
CA GLU A 294 14.19 31.98 -10.66
C GLU A 294 14.89 30.84 -11.40
N GLU A 295 14.31 30.43 -12.53
CA GLU A 295 14.85 29.38 -13.41
C GLU A 295 15.01 28.04 -12.70
N VAL A 296 14.24 27.79 -11.66
CA VAL A 296 14.35 26.54 -10.90
C VAL A 296 12.96 25.90 -10.85
N LEU A 297 12.85 24.69 -11.37
CA LEU A 297 11.66 23.87 -11.20
C LEU A 297 11.91 22.95 -10.02
N ALA A 298 11.02 22.97 -9.04
CA ALA A 298 11.19 22.17 -7.84
C ALA A 298 9.91 21.43 -7.52
N TYR A 299 10.02 20.14 -7.23
CA TYR A 299 8.93 19.35 -6.71
C TYR A 299 9.46 18.51 -5.56
N VAL A 300 8.64 18.34 -4.53
CA VAL A 300 9.03 17.61 -3.33
C VAL A 300 8.70 16.13 -3.54
N VAL A 301 9.65 15.26 -3.23
CA VAL A 301 9.40 13.82 -3.24
C VAL A 301 9.36 13.35 -1.79
N GLN A 302 8.23 12.75 -1.41
CA GLN A 302 7.96 12.31 -0.05
C GLN A 302 8.25 10.81 0.02
N LEU A 303 9.33 10.46 0.70
CA LEU A 303 9.75 9.07 0.76
C LEU A 303 9.36 8.42 2.09
N PRO A 304 9.03 7.13 2.10
CA PRO A 304 8.63 6.48 3.35
C PRO A 304 9.81 6.27 4.28
N LEU A 305 9.53 6.39 5.57
CA LEU A 305 10.46 6.02 6.64
C LEU A 305 9.95 4.76 7.31
N TYR A 306 10.77 3.71 7.29
CA TYR A 306 10.40 2.43 7.90
C TYR A 306 10.98 2.34 9.30
N GLY A 307 10.25 2.88 10.27
CA GLY A 307 10.70 2.87 11.66
C GLY A 307 10.48 1.56 12.39
N VAL A 308 9.74 0.64 11.79
CA VAL A 308 9.48 -0.69 12.33
C VAL A 308 9.91 -1.70 11.28
N ILE A 309 10.88 -2.54 11.61
CA ILE A 309 11.47 -3.45 10.64
C ILE A 309 11.77 -4.77 11.33
N ASP A 310 11.42 -5.88 10.66
CA ASP A 310 11.81 -7.23 11.06
C ASP A 310 11.12 -7.69 12.34
N THR A 311 9.95 -7.16 12.63
CA THR A 311 9.16 -7.74 13.69
C THR A 311 8.19 -8.77 13.12
N PRO A 312 7.74 -9.72 13.95
CA PRO A 312 6.82 -10.75 13.45
C PRO A 312 5.51 -10.16 12.94
N CYS A 313 5.08 -10.65 11.78
CA CYS A 313 3.75 -10.33 11.25
C CYS A 313 3.00 -11.62 10.98
N TRP A 314 1.67 -11.52 11.00
CA TRP A 314 0.83 -12.65 10.64
C TRP A 314 -0.45 -12.15 9.99
N LYS A 315 -0.98 -12.93 9.06
CA LYS A 315 -2.22 -12.60 8.36
C LYS A 315 -3.37 -13.46 8.87
N LEU A 316 -4.45 -12.82 9.29
CA LEU A 316 -5.64 -13.52 9.77
C LEU A 316 -6.69 -13.57 8.67
N HIS A 317 -7.03 -14.77 8.23
CA HIS A 317 -8.11 -14.99 7.26
C HIS A 317 -9.32 -15.52 7.99
N THR A 318 -10.48 -14.94 7.73
CA THR A 318 -11.72 -15.40 8.32
C THR A 318 -12.76 -15.64 7.23
N SER A 319 -13.74 -16.47 7.55
CA SER A 319 -14.82 -16.83 6.63
C SER A 319 -16.04 -17.15 7.47
N PRO A 320 -17.24 -17.09 6.88
CA PRO A 320 -18.46 -17.29 7.69
C PRO A 320 -18.65 -18.71 8.18
N LEU A 321 -19.11 -18.82 9.42
CA LEU A 321 -19.39 -20.08 10.10
C LEU A 321 -20.87 -20.15 10.39
N CYS A 322 -21.57 -21.09 9.75
CA CYS A 322 -23.01 -21.21 9.93
C CYS A 322 -23.40 -22.60 10.37
N THR A 323 -24.53 -22.70 11.05
CA THR A 323 -25.13 -24.01 11.24
C THR A 323 -25.62 -24.54 9.90
N THR A 324 -25.83 -25.84 9.84
CA THR A 324 -26.09 -26.51 8.58
C THR A 324 -27.39 -27.31 8.65
N ASN A 325 -28.43 -26.72 9.22
CA ASN A 325 -29.72 -27.39 9.31
C ASN A 325 -30.38 -27.49 7.95
N THR A 326 -31.22 -28.52 7.79
CA THR A 326 -31.92 -28.77 6.54
C THR A 326 -32.89 -27.65 6.21
N LYS A 327 -33.80 -27.33 7.14
CA LYS A 327 -34.82 -26.31 6.96
C LYS A 327 -34.19 -24.94 6.68
N GLU A 328 -34.31 -24.46 5.45
CA GLU A 328 -33.64 -23.22 5.05
C GLU A 328 -34.19 -22.04 5.85
N GLY A 329 -33.30 -21.07 6.12
CA GLY A 329 -33.64 -19.92 6.92
C GLY A 329 -33.55 -20.12 8.41
N SER A 330 -33.47 -21.36 8.88
CA SER A 330 -33.33 -21.65 10.30
C SER A 330 -31.87 -21.61 10.77
N ASN A 331 -30.94 -21.27 9.88
CA ASN A 331 -29.52 -21.30 10.21
C ASN A 331 -29.04 -19.94 10.69
N ILE A 332 -28.09 -19.97 11.61
CA ILE A 332 -27.47 -18.78 12.17
C ILE A 332 -25.99 -18.79 11.79
N CYS A 333 -25.45 -17.60 11.54
CA CYS A 333 -24.08 -17.46 11.06
C CYS A 333 -23.32 -16.49 11.95
N LEU A 334 -22.01 -16.66 11.94
CA LEU A 334 -21.08 -15.85 12.70
C LEU A 334 -19.79 -15.77 11.90
N THR A 335 -19.17 -14.58 11.87
CA THR A 335 -17.89 -14.40 11.16
C THR A 335 -16.97 -13.52 11.99
N ARG A 336 -15.75 -13.99 12.23
CA ARG A 336 -14.74 -13.14 12.85
C ARG A 336 -14.45 -11.95 11.95
N THR A 337 -14.64 -10.74 12.48
CA THR A 337 -14.46 -9.53 11.69
C THR A 337 -13.06 -8.95 11.78
N ASP A 338 -12.20 -9.52 12.64
CA ASP A 338 -10.87 -8.97 12.86
C ASP A 338 -9.84 -9.48 11.84
N ARG A 339 -10.25 -9.75 10.61
CA ARG A 339 -9.30 -10.20 9.61
C ARG A 339 -8.46 -9.05 9.07
N GLY A 340 -7.26 -9.39 8.62
CA GLY A 340 -6.30 -8.43 8.12
C GLY A 340 -4.90 -8.83 8.53
N TRP A 341 -3.97 -7.88 8.37
CA TRP A 341 -2.59 -8.09 8.78
C TRP A 341 -2.34 -7.59 10.20
N TYR A 342 -1.43 -8.28 10.89
CA TYR A 342 -1.03 -7.96 12.25
C TYR A 342 0.49 -7.98 12.32
N CYS A 343 1.09 -6.95 12.89
CA CYS A 343 2.53 -6.93 13.13
C CYS A 343 2.81 -6.46 14.54
N ASP A 344 3.67 -7.18 15.24
CA ASP A 344 4.17 -6.70 16.53
C ASP A 344 4.86 -5.36 16.33
N ASN A 345 4.57 -4.41 17.23
CA ASN A 345 5.07 -3.05 17.07
C ASN A 345 5.01 -2.34 18.42
N ALA A 346 6.18 -2.18 19.05
CA ALA A 346 6.36 -1.31 20.21
C ALA A 346 5.52 -1.75 21.41
N GLY A 347 5.44 -3.07 21.63
CA GLY A 347 4.69 -3.63 22.73
C GLY A 347 3.21 -3.77 22.47
N SER A 348 2.71 -3.25 21.36
CA SER A 348 1.34 -3.42 20.95
C SER A 348 1.31 -4.21 19.66
N VAL A 349 0.17 -4.21 18.99
CA VAL A 349 0.02 -4.89 17.72
C VAL A 349 -0.60 -3.91 16.74
N SER A 350 0.08 -3.69 15.61
CA SER A 350 -0.46 -2.87 14.54
C SER A 350 -1.37 -3.74 13.70
N PHE A 351 -2.66 -3.38 13.64
CA PHE A 351 -3.67 -4.16 12.94
C PHE A 351 -4.12 -3.39 11.72
N PHE A 352 -3.98 -4.02 10.55
CA PHE A 352 -4.35 -3.42 9.27
C PHE A 352 -5.60 -4.12 8.75
N PRO A 353 -6.80 -3.57 9.00
CA PRO A 353 -8.03 -4.27 8.62
C PRO A 353 -8.22 -4.43 7.12
N GLN A 354 -7.73 -3.52 6.29
CA GLN A 354 -7.78 -3.67 4.84
C GLN A 354 -6.45 -4.28 4.38
N ALA A 355 -6.34 -5.61 4.43
CA ALA A 355 -5.12 -6.31 4.01
C ALA A 355 -4.67 -5.95 2.60
N GLU A 356 -5.54 -5.31 1.81
CA GLU A 356 -5.17 -4.70 0.53
C GLU A 356 -4.14 -3.59 0.69
N THR A 357 -4.05 -2.97 1.87
CA THR A 357 -3.10 -1.87 2.07
C THR A 357 -1.66 -2.38 2.11
N CYS A 358 -1.45 -3.61 2.56
CA CYS A 358 -0.10 -4.15 2.73
C CYS A 358 0.37 -4.84 1.46
N LYS A 359 1.68 -4.80 1.24
CA LYS A 359 2.30 -5.38 0.06
C LYS A 359 3.35 -6.39 0.50
N VAL A 360 3.24 -7.60 -0.02
CA VAL A 360 4.04 -8.73 0.45
C VAL A 360 5.11 -9.04 -0.57
N GLN A 361 6.37 -9.00 -0.14
CA GLN A 361 7.51 -9.36 -0.97
C GLN A 361 8.21 -10.52 -0.25
N SER A 362 7.97 -11.74 -0.74
CA SER A 362 8.47 -12.98 -0.13
C SER A 362 7.90 -13.17 1.27
N ASN A 363 8.73 -12.93 2.29
CA ASN A 363 8.28 -12.98 3.68
C ASN A 363 8.26 -11.61 4.32
N ARG A 364 8.47 -10.55 3.54
CA ARG A 364 8.47 -9.18 4.03
C ARG A 364 7.13 -8.51 3.76
N VAL A 365 6.51 -7.94 4.78
CA VAL A 365 5.23 -7.26 4.66
C VAL A 365 5.46 -5.77 4.79
N PHE A 366 5.08 -5.02 3.76
CA PHE A 366 5.20 -3.56 3.73
C PHE A 366 3.82 -2.97 4.00
N CYS A 367 3.67 -2.29 5.11
CA CYS A 367 2.40 -1.66 5.44
C CYS A 367 2.61 -0.20 5.81
N ASP A 368 1.49 0.52 5.87
CA ASP A 368 1.46 1.93 6.25
C ASP A 368 0.68 2.04 7.55
N THR A 369 1.34 2.53 8.61
CA THR A 369 0.66 2.63 9.90
C THR A 369 -0.50 3.61 9.89
N MET A 370 -0.64 4.42 8.84
CA MET A 370 -1.79 5.30 8.73
C MET A 370 -3.09 4.53 8.55
N ASN A 371 -3.01 3.30 8.03
CA ASN A 371 -4.17 2.44 7.84
C ASN A 371 -4.14 1.28 8.84
N SER A 372 -3.72 1.56 10.06
CA SER A 372 -3.71 0.57 11.12
C SER A 372 -4.42 1.12 12.35
N LEU A 373 -4.92 0.21 13.15
CA LEU A 373 -5.22 0.45 14.56
C LEU A 373 -4.08 -0.11 15.39
N THR A 374 -3.88 0.47 16.56
CA THR A 374 -2.92 -0.03 17.52
C THR A 374 -3.70 -0.76 18.61
N LEU A 375 -3.54 -2.08 18.66
CA LEU A 375 -4.33 -2.91 19.56
C LEU A 375 -3.48 -3.56 20.64
N PRO A 376 -4.08 -3.90 21.78
CA PRO A 376 -3.37 -4.71 22.77
C PRO A 376 -2.96 -6.03 22.16
N SER A 377 -1.77 -6.51 22.52
CA SER A 377 -1.29 -7.75 21.93
C SER A 377 -2.18 -8.92 22.31
N GLU A 378 -2.99 -8.79 23.37
CA GLU A 378 -3.95 -9.83 23.71
C GLU A 378 -4.92 -10.15 22.58
N VAL A 379 -5.02 -9.30 21.56
CA VAL A 379 -5.88 -9.59 20.42
C VAL A 379 -5.47 -10.92 19.78
N ASN A 380 -4.20 -11.31 19.90
CA ASN A 380 -3.75 -12.57 19.35
C ASN A 380 -4.43 -13.77 20.02
N LEU A 381 -4.95 -13.62 21.24
CA LEU A 381 -5.58 -14.74 21.90
C LEU A 381 -6.83 -15.22 21.17
N CYS A 382 -7.45 -14.36 20.36
CA CYS A 382 -8.67 -14.74 19.67
C CYS A 382 -8.47 -15.90 18.71
N ASN A 383 -7.23 -16.18 18.32
CA ASN A 383 -6.99 -17.26 17.38
C ASN A 383 -6.99 -18.62 18.08
N VAL A 384 -6.40 -18.69 19.27
CA VAL A 384 -6.36 -19.95 20.01
C VAL A 384 -7.62 -20.14 20.85
N ASP A 385 -8.09 -19.08 21.49
CA ASP A 385 -9.27 -19.14 22.35
C ASP A 385 -10.12 -17.90 22.10
N ILE A 386 -11.15 -18.05 21.26
CA ILE A 386 -12.03 -16.93 20.99
C ILE A 386 -12.89 -16.54 22.19
N PHE A 387 -12.97 -17.39 23.22
CA PHE A 387 -13.70 -17.02 24.42
C PHE A 387 -12.78 -16.57 25.55
N ASN A 388 -11.55 -16.16 25.22
CA ASN A 388 -10.58 -15.83 26.24
C ASN A 388 -11.05 -14.62 27.05
N PRO A 389 -10.69 -14.55 28.33
CA PRO A 389 -11.19 -13.48 29.20
C PRO A 389 -10.42 -12.18 29.11
N LYS A 390 -9.41 -12.08 28.26
CA LYS A 390 -8.53 -10.91 28.26
C LYS A 390 -8.79 -9.96 27.10
N TYR A 391 -9.42 -10.43 26.04
CA TYR A 391 -9.71 -9.58 24.90
C TYR A 391 -11.06 -10.00 24.33
N ASP A 392 -11.89 -9.01 24.00
CA ASP A 392 -13.25 -9.27 23.57
C ASP A 392 -13.25 -9.38 22.04
N CYS A 393 -13.19 -10.62 21.54
CA CYS A 393 -12.98 -10.87 20.12
C CYS A 393 -14.17 -10.40 19.30
N LYS A 394 -13.87 -9.73 18.19
CA LYS A 394 -14.91 -9.10 17.39
C LYS A 394 -15.45 -10.10 16.37
N ILE A 395 -16.78 -10.20 16.32
CA ILE A 395 -17.48 -11.03 15.35
C ILE A 395 -18.63 -10.24 14.78
N MET A 396 -19.15 -10.71 13.66
CA MET A 396 -20.43 -10.28 13.14
C MET A 396 -21.35 -11.49 13.05
N THR A 397 -22.65 -11.25 13.18
CA THR A 397 -23.66 -12.30 13.11
C THR A 397 -24.62 -12.03 11.97
N SER A 398 -25.22 -13.10 11.45
CA SER A 398 -26.25 -12.98 10.41
C SER A 398 -26.95 -14.33 10.29
N LYS A 399 -27.94 -14.39 9.38
CA LYS A 399 -28.56 -15.64 8.96
C LYS A 399 -28.32 -15.89 7.47
N THR A 400 -27.33 -15.21 6.90
CA THR A 400 -27.04 -15.26 5.47
C THR A 400 -25.98 -16.33 5.22
N ASP A 401 -26.44 -17.57 5.06
CA ASP A 401 -25.54 -18.71 4.87
C ASP A 401 -25.28 -18.92 3.38
N VAL A 402 -24.53 -17.99 2.79
CA VAL A 402 -24.09 -18.16 1.40
C VAL A 402 -22.72 -18.82 1.40
N SER A 403 -22.42 -19.50 0.30
CA SER A 403 -21.17 -20.24 0.16
C SER A 403 -20.08 -19.37 -0.44
N SER A 404 -18.83 -19.63 -0.03
CA SER A 404 -17.69 -18.90 -0.57
C SER A 404 -16.42 -19.56 -0.06
N SER A 405 -15.29 -19.10 -0.60
CA SER A 405 -13.99 -19.55 -0.15
C SER A 405 -13.09 -18.36 0.11
N VAL A 406 -12.12 -18.55 1.00
CA VAL A 406 -11.02 -17.59 1.21
C VAL A 406 -9.72 -18.31 0.90
N ILE A 407 -8.98 -17.79 -0.07
CA ILE A 407 -7.65 -18.32 -0.39
C ILE A 407 -6.66 -17.72 0.60
N THR A 408 -5.96 -18.58 1.33
CA THR A 408 -5.00 -18.16 2.35
C THR A 408 -3.59 -18.18 1.77
N SER A 409 -2.60 -17.97 2.63
CA SER A 409 -1.21 -18.04 2.18
C SER A 409 -0.84 -19.45 1.75
N LEU A 410 -1.28 -20.47 2.48
CA LEU A 410 -0.84 -21.83 2.25
C LEU A 410 -1.99 -22.81 2.07
N GLY A 411 -3.20 -22.33 1.80
CA GLY A 411 -4.32 -23.25 1.67
C GLY A 411 -5.60 -22.55 1.32
N ALA A 412 -6.75 -23.10 1.72
CA ALA A 412 -8.03 -22.48 1.37
C ALA A 412 -9.08 -22.83 2.42
N ILE A 413 -9.81 -21.81 2.85
CA ILE A 413 -10.97 -21.99 3.72
C ILE A 413 -12.20 -22.09 2.85
N VAL A 414 -13.05 -23.07 3.10
CA VAL A 414 -14.28 -23.23 2.33
C VAL A 414 -15.47 -23.13 3.27
N SER A 415 -16.29 -22.10 3.07
CA SER A 415 -17.57 -21.97 3.76
C SER A 415 -18.64 -22.47 2.79
N CYS A 416 -19.08 -23.70 2.97
CA CYS A 416 -19.98 -24.37 2.05
C CYS A 416 -21.33 -24.57 2.73
N TYR A 417 -22.38 -24.01 2.15
CA TYR A 417 -23.72 -24.09 2.73
C TYR A 417 -24.76 -24.34 1.64
N GLY A 418 -25.93 -24.80 2.07
CA GLY A 418 -27.02 -25.00 1.12
C GLY A 418 -26.72 -26.11 0.14
N LYS A 419 -27.06 -25.87 -1.12
CA LYS A 419 -26.92 -26.84 -2.19
C LYS A 419 -25.65 -26.67 -3.01
N THR A 420 -24.68 -25.89 -2.51
CA THR A 420 -23.52 -25.54 -3.32
C THR A 420 -22.55 -26.71 -3.47
N LYS A 421 -22.05 -26.89 -4.68
CA LYS A 421 -20.98 -27.83 -4.92
C LYS A 421 -19.65 -27.19 -4.50
N CYS A 422 -18.95 -27.80 -3.55
CA CYS A 422 -17.65 -27.31 -3.12
C CYS A 422 -16.64 -28.44 -3.16
N THR A 423 -15.57 -28.26 -3.96
CA THR A 423 -14.54 -29.27 -4.13
C THR A 423 -13.15 -28.63 -4.12
N ALA A 424 -12.14 -29.49 -4.05
CA ALA A 424 -10.75 -29.11 -4.19
C ALA A 424 -10.11 -30.05 -5.21
N SER A 425 -9.32 -29.49 -6.12
CA SER A 425 -8.79 -30.28 -7.23
C SER A 425 -7.28 -30.12 -7.39
N ASN A 426 -6.70 -31.11 -8.04
CA ASN A 426 -5.32 -31.11 -8.49
C ASN A 426 -5.31 -31.02 -10.01
N LYS A 427 -4.24 -30.43 -10.55
CA LYS A 427 -4.20 -30.14 -11.99
C LYS A 427 -4.25 -31.43 -12.82
N ASN A 428 -3.63 -32.51 -12.33
CA ASN A 428 -3.51 -33.71 -13.14
C ASN A 428 -4.62 -34.73 -12.89
N ARG A 429 -5.30 -34.67 -11.74
CA ARG A 429 -6.27 -35.70 -11.40
C ARG A 429 -7.65 -35.17 -11.06
N GLY A 430 -7.88 -33.87 -11.12
CA GLY A 430 -9.22 -33.38 -10.89
C GLY A 430 -9.58 -33.46 -9.42
N ILE A 431 -10.87 -33.68 -9.17
CA ILE A 431 -11.40 -33.56 -7.81
C ILE A 431 -10.76 -34.58 -6.89
N ILE A 432 -10.22 -34.11 -5.77
CA ILE A 432 -9.68 -35.00 -4.74
C ILE A 432 -10.41 -34.87 -3.41
N LYS A 433 -11.12 -33.77 -3.15
CA LYS A 433 -11.91 -33.62 -1.94
C LYS A 433 -13.23 -32.93 -2.28
N THR A 434 -14.33 -33.49 -1.79
CA THR A 434 -15.62 -32.82 -1.81
C THR A 434 -15.93 -32.35 -0.39
N PHE A 435 -16.13 -31.05 -0.23
CA PHE A 435 -16.51 -30.54 1.07
C PHE A 435 -17.98 -30.82 1.34
N SER A 436 -18.30 -31.02 2.61
CA SER A 436 -19.69 -31.05 3.02
C SER A 436 -20.04 -29.72 3.68
N ASN A 437 -21.33 -29.55 3.97
CA ASN A 437 -21.80 -28.28 4.51
C ASN A 437 -21.09 -27.97 5.81
N GLY A 438 -20.65 -26.73 5.93
CA GLY A 438 -19.92 -26.26 7.08
C GLY A 438 -18.72 -25.46 6.64
N CYS A 439 -17.84 -25.16 7.57
CA CYS A 439 -16.60 -24.45 7.28
C CYS A 439 -15.42 -25.40 7.43
N ASP A 440 -14.61 -25.49 6.38
CA ASP A 440 -13.55 -26.48 6.30
C ASP A 440 -12.36 -25.82 5.60
N TYR A 441 -11.32 -26.60 5.37
CA TYR A 441 -10.04 -26.05 4.97
C TYR A 441 -9.22 -27.13 4.30
N VAL A 442 -8.41 -26.73 3.34
CA VAL A 442 -7.49 -27.65 2.67
C VAL A 442 -6.18 -26.90 2.42
N SER A 443 -5.06 -27.58 2.63
CA SER A 443 -3.78 -26.95 2.41
C SER A 443 -3.37 -27.08 0.94
N ASN A 444 -2.44 -26.22 0.53
CA ASN A 444 -2.08 -26.11 -0.88
C ASN A 444 -1.12 -27.20 -1.34
N LYS A 445 -0.77 -28.15 -0.49
CA LYS A 445 0.03 -29.30 -0.89
C LYS A 445 -0.87 -30.28 -1.64
N GLY A 446 -0.54 -30.56 -2.90
CA GLY A 446 -1.34 -31.43 -3.71
C GLY A 446 -2.63 -30.84 -4.24
N VAL A 447 -2.99 -29.63 -3.82
CA VAL A 447 -4.19 -28.95 -4.29
C VAL A 447 -3.75 -27.77 -5.15
N ASP A 448 -4.36 -27.65 -6.34
CA ASP A 448 -4.11 -26.52 -7.21
C ASP A 448 -5.27 -25.56 -7.32
N THR A 449 -6.51 -26.06 -7.20
CA THR A 449 -7.69 -25.21 -7.30
C THR A 449 -8.76 -25.70 -6.36
N VAL A 450 -9.63 -24.77 -5.99
CA VAL A 450 -10.80 -25.00 -5.16
C VAL A 450 -11.98 -24.41 -5.91
N SER A 451 -13.13 -25.07 -5.85
CA SER A 451 -14.34 -24.59 -6.51
C SER A 451 -15.47 -24.49 -5.50
N VAL A 452 -16.11 -23.32 -5.44
CA VAL A 452 -17.28 -23.10 -4.61
C VAL A 452 -18.36 -22.58 -5.55
N GLY A 453 -19.32 -23.43 -5.89
CA GLY A 453 -20.36 -23.02 -6.82
C GLY A 453 -19.78 -22.84 -8.21
N ASN A 454 -20.07 -21.70 -8.83
CA ASN A 454 -19.57 -21.39 -10.16
C ASN A 454 -18.25 -20.63 -10.12
N THR A 455 -17.56 -20.61 -8.99
CA THR A 455 -16.34 -19.82 -8.83
C THR A 455 -15.15 -20.74 -8.64
N LEU A 456 -14.17 -20.64 -9.54
CA LEU A 456 -12.92 -21.38 -9.42
C LEU A 456 -11.86 -20.46 -8.82
N TYR A 457 -11.22 -20.91 -7.75
CA TYR A 457 -10.12 -20.20 -7.12
C TYR A 457 -8.83 -20.99 -7.31
N TYR A 458 -7.78 -20.33 -7.78
CA TYR A 458 -6.45 -20.93 -7.72
C TYR A 458 -5.85 -20.67 -6.34
N VAL A 459 -5.26 -21.69 -5.76
CA VAL A 459 -4.60 -21.54 -4.47
C VAL A 459 -3.16 -21.10 -4.70
N ASN A 460 -2.60 -20.39 -3.74
CA ASN A 460 -1.21 -19.99 -3.84
C ASN A 460 -0.32 -21.21 -3.71
N LYS A 461 0.73 -21.27 -4.52
CA LYS A 461 1.63 -22.42 -4.53
C LYS A 461 2.96 -22.11 -3.86
N GLN A 462 2.98 -21.19 -2.92
CA GLN A 462 4.16 -21.03 -2.09
C GLN A 462 4.24 -22.16 -1.07
N GLU A 463 5.45 -22.58 -0.74
CA GLU A 463 5.65 -23.72 0.13
C GLU A 463 5.69 -23.32 1.60
N GLY A 464 5.32 -24.26 2.45
CA GLY A 464 5.12 -24.01 3.86
C GLY A 464 4.09 -24.97 4.40
N LYS A 465 4.23 -25.28 5.68
CA LYS A 465 3.42 -26.29 6.34
C LYS A 465 2.13 -25.71 6.91
N SER A 466 1.02 -26.43 6.71
CA SER A 466 -0.26 -26.09 7.31
C SER A 466 -0.58 -27.07 8.42
N LEU A 467 -1.27 -26.58 9.45
CA LEU A 467 -1.71 -27.38 10.58
C LEU A 467 -3.21 -27.20 10.72
N TYR A 468 -3.96 -28.30 10.66
CA TYR A 468 -5.41 -28.27 10.84
C TYR A 468 -5.71 -28.51 12.31
N VAL A 469 -6.22 -27.48 12.99
CA VAL A 469 -6.54 -27.55 14.41
C VAL A 469 -8.02 -27.88 14.55
N LYS A 470 -8.31 -29.10 14.97
CA LYS A 470 -9.70 -29.51 15.09
C LYS A 470 -10.34 -28.84 16.30
N GLY A 471 -11.66 -28.70 16.24
CA GLY A 471 -12.43 -28.09 17.31
C GLY A 471 -13.86 -27.87 16.88
N GLU A 472 -14.78 -27.86 17.82
CA GLU A 472 -16.18 -27.77 17.44
C GLU A 472 -16.51 -26.35 17.01
N PRO A 473 -17.22 -26.17 15.89
CA PRO A 473 -17.63 -24.82 15.47
C PRO A 473 -18.45 -24.15 16.55
N ILE A 474 -17.99 -22.96 16.97
CA ILE A 474 -18.60 -22.31 18.13
C ILE A 474 -20.04 -21.89 17.87
N ILE A 475 -20.46 -21.87 16.60
CA ILE A 475 -21.85 -21.56 16.29
C ILE A 475 -22.81 -22.59 16.88
N ASN A 476 -22.32 -23.81 17.15
CA ASN A 476 -23.17 -24.81 17.77
C ASN A 476 -23.54 -24.48 19.21
N PHE A 477 -22.78 -23.58 19.84
CA PHE A 477 -23.01 -23.24 21.24
C PHE A 477 -24.16 -22.26 21.42
N TYR A 478 -24.85 -21.88 20.34
CA TYR A 478 -25.87 -20.84 20.40
C TYR A 478 -27.24 -21.42 20.09
N ASP A 479 -28.22 -21.05 20.91
CA ASP A 479 -29.62 -21.36 20.63
C ASP A 479 -30.13 -20.41 19.55
N PRO A 480 -30.52 -20.92 18.38
CA PRO A 480 -30.97 -20.01 17.31
C PRO A 480 -32.13 -19.11 17.71
N LEU A 481 -33.00 -19.57 18.62
CA LEU A 481 -34.19 -18.80 18.96
C LEU A 481 -33.87 -17.49 19.68
N VAL A 482 -32.71 -17.38 20.33
CA VAL A 482 -32.31 -16.14 20.98
C VAL A 482 -31.03 -15.57 20.38
N PHE A 483 -30.57 -16.13 19.28
CA PHE A 483 -29.32 -15.67 18.70
C PHE A 483 -29.52 -14.30 18.06
N PRO A 484 -28.75 -13.29 18.43
CA PRO A 484 -28.90 -11.98 17.80
C PRO A 484 -28.24 -11.92 16.42
N SER A 485 -29.02 -12.08 15.36
CA SER A 485 -28.48 -11.96 14.03
C SER A 485 -28.44 -10.50 13.58
N ASP A 486 -27.74 -10.26 12.47
CA ASP A 486 -27.63 -8.93 11.89
C ASP A 486 -26.97 -7.94 12.86
N GLU A 487 -25.86 -8.35 13.45
CA GLU A 487 -24.99 -7.48 14.24
C GLU A 487 -23.62 -7.44 13.56
N PHE A 488 -23.19 -6.26 13.15
CA PHE A 488 -21.92 -6.17 12.42
C PHE A 488 -20.74 -5.81 13.32
N ASP A 489 -20.80 -4.69 14.01
CA ASP A 489 -19.70 -4.25 14.85
C ASP A 489 -19.76 -4.88 16.25
N ALA A 490 -19.88 -6.21 16.31
CA ALA A 490 -20.15 -6.87 17.57
C ALA A 490 -18.91 -7.57 18.12
N SER A 491 -19.12 -8.34 19.18
CA SER A 491 -18.06 -9.10 19.83
C SER A 491 -18.70 -10.24 20.60
N ILE A 492 -17.82 -11.12 21.14
CA ILE A 492 -18.29 -12.28 21.88
C ILE A 492 -19.09 -11.84 23.11
N SER A 493 -18.57 -10.87 23.86
CA SER A 493 -19.25 -10.41 25.06
C SER A 493 -20.55 -9.69 24.72
N GLN A 494 -20.55 -8.88 23.66
CA GLN A 494 -21.76 -8.16 23.28
C GLN A 494 -22.87 -9.12 22.88
N VAL A 495 -22.54 -10.20 22.18
CA VAL A 495 -23.56 -11.16 21.80
C VAL A 495 -24.07 -11.88 23.04
N ASN A 496 -23.18 -12.18 23.99
CA ASN A 496 -23.61 -12.79 25.24
C ASN A 496 -24.59 -11.90 25.98
N GLU A 497 -24.30 -10.60 26.07
CA GLU A 497 -25.15 -9.74 26.88
C GLU A 497 -26.49 -9.50 26.20
N LYS A 498 -26.55 -9.54 24.87
CA LYS A 498 -27.84 -9.47 24.20
C LYS A 498 -28.65 -10.74 24.43
N ILE A 499 -27.97 -11.89 24.38
CA ILE A 499 -28.66 -13.16 24.60
C ILE A 499 -29.26 -13.21 26.00
N ASN A 500 -28.47 -12.87 27.00
CA ASN A 500 -28.92 -12.97 28.38
C ASN A 500 -29.90 -11.87 28.78
N GLN A 501 -30.17 -10.93 27.88
CA GLN A 501 -31.29 -10.01 28.03
C GLN A 501 -32.57 -10.60 27.48
N SER A 502 -32.55 -11.03 26.21
CA SER A 502 -33.73 -11.66 25.63
C SER A 502 -34.07 -12.97 26.32
N LEU A 503 -33.07 -13.64 26.89
CA LEU A 503 -33.34 -14.80 27.74
C LEU A 503 -34.10 -14.40 29.00
N ALA A 504 -33.76 -13.24 29.56
CA ALA A 504 -34.43 -12.78 30.77
C ALA A 504 -35.93 -12.60 30.56
N PHE A 505 -36.34 -12.23 29.34
CA PHE A 505 -37.76 -12.04 29.07
C PHE A 505 -38.47 -13.37 28.85
N ILE A 506 -37.78 -14.34 28.27
CA ILE A 506 -38.33 -15.68 28.06
C ILE A 506 -38.13 -16.53 29.30
#